data_9CYS
#
_entry.id   9CYS
#
_cell.length_a   99.081
_cell.length_b   111.739
_cell.length_c   119.337
_cell.angle_alpha   90.000
_cell.angle_beta   90.000
_cell.angle_gamma   90.000
#
_symmetry.space_group_name_H-M   'I 2 2 2'
#
loop_
_entity.id
_entity.type
_entity.pdbx_description
1 polymer 'Ankyrin repeat domain-containing protein'
2 polymer 'T6SS lipase effector'
3 non-polymer 'CITRIC ACID'
4 non-polymer GLYCEROL
5 non-polymer 'TRIETHYLENE GLYCOL'
6 non-polymer methylglyoxal
7 water water
#
loop_
_entity_poly.entity_id
_entity_poly.type
_entity_poly.pdbx_seq_one_letter_code
_entity_poly.pdbx_strand_id
1 'polypeptide(L)'
;MDLKPDNYFSGQQLTLARAIENGEVDEVIKLASGTDLNKPGKEDMTLLFWAVMNSINNQKTPERLNVITMLIKAGADPLQ
PRPQGKNSPAEFVLMADNADWIKAMLNAGLSPNAVDKTFGKPIIFQTLEAKNTKTLQAMLDKGADINITDSLGNTLLIDA
LDFHSYDHVLLLLERGADPEIKADNGWTMGNQLQRFLDRAKVGSDEYKKLNEIKDVLIQHGGKWPPTPVK
;
I
2 'polypeptide(L)'
;MAKSHHHHHHTSTKAERWQARKDLIAKGSNSLYPDAQIAAKRLAANNIAVEKAKLAENVYKTVNPLEATPGVPEGWKDIS
NDAGALKKYGLDKEVLFDHADTPDFLARVYQPDSAVFGSDMNPTIVFRGSRQPEFFPTKNMADWINNGAQGLGMESDYYK
RAVRLGSRLAKSVSKIDIAGHSLGGGLASATSIASGQAGWTFNAAGLHSTTVEKYGGSLLGEADNIQAYRVEGELLTKIQ
EVNLAEDYKMLKGHIPTLIAKEEISAIMPNAAGVVHDLPGGTGGPLDRHGIGQAIDCIEQQKDEDISIIRSRA
;
A
#
loop_
_chem_comp.id
_chem_comp.type
_chem_comp.name
_chem_comp.formula
CIT non-polymer 'CITRIC ACID' 'C6 H8 O7'
GOL non-polymer GLYCEROL 'C3 H8 O3'
MIE non-polymer methylglyoxal 'C3 H4 O2'
PGE non-polymer 'TRIETHYLENE GLYCOL' 'C6 H14 O4'
#
# COMPACT_ATOMS: atom_id res chain seq x y z
N ASP A 2 8.15 -29.80 0.00
CA ASP A 2 6.83 -29.96 -0.61
C ASP A 2 6.81 -29.53 -2.06
N LEU A 3 7.90 -28.91 -2.52
CA LEU A 3 8.01 -28.40 -3.87
C LEU A 3 8.86 -29.33 -4.74
N LYS A 4 8.57 -29.36 -6.04
CA LYS A 4 9.31 -30.22 -6.96
C LYS A 4 9.94 -29.38 -8.07
N PRO A 5 11.25 -29.53 -8.32
CA PRO A 5 11.90 -28.65 -9.30
C PRO A 5 11.40 -28.85 -10.72
N ASP A 6 10.89 -30.04 -11.04
CA ASP A 6 10.36 -30.31 -12.37
C ASP A 6 9.17 -29.44 -12.73
N ASN A 7 8.48 -28.89 -11.74
CA ASN A 7 7.37 -27.99 -12.04
C ASN A 7 7.81 -26.65 -12.58
N TYR A 8 9.09 -26.30 -12.45
CA TYR A 8 9.56 -24.99 -12.89
C TYR A 8 10.64 -25.06 -13.95
N PHE A 9 11.44 -26.13 -13.98
CA PHE A 9 12.60 -26.21 -14.85
C PHE A 9 12.60 -27.50 -15.65
N SER A 10 13.38 -27.49 -16.73
CA SER A 10 13.67 -28.68 -17.50
C SER A 10 15.10 -28.57 -18.01
N GLY A 11 15.62 -29.66 -18.56
CA GLY A 11 16.93 -29.60 -19.21
C GLY A 11 18.07 -29.25 -18.26
N GLN A 12 19.03 -28.46 -18.75
CA GLN A 12 20.19 -28.09 -17.94
C GLN A 12 19.78 -27.39 -16.65
N GLN A 13 18.78 -26.50 -16.72
CA GLN A 13 18.36 -25.79 -15.52
C GLN A 13 17.81 -26.75 -14.49
N LEU A 14 17.10 -27.80 -14.93
CA LEU A 14 16.53 -28.77 -13.99
C LEU A 14 17.63 -29.55 -13.28
N THR A 15 18.71 -29.88 -14.00
CA THR A 15 19.82 -30.58 -13.37
C THR A 15 20.44 -29.71 -12.28
N LEU A 16 20.61 -28.42 -12.54
CA LEU A 16 21.11 -27.52 -11.49
C LEU A 16 20.08 -27.40 -10.37
N ALA A 17 18.80 -27.30 -10.72
CA ALA A 17 17.76 -27.23 -9.69
C ALA A 17 17.79 -28.46 -8.79
N ARG A 18 18.17 -29.61 -9.33
CA ARG A 18 18.20 -30.80 -8.48
C ARG A 18 19.41 -30.78 -7.56
N ALA A 19 20.54 -30.26 -8.03
CA ALA A 19 21.68 -30.11 -7.14
C ALA A 19 21.37 -29.14 -6.01
N ILE A 20 20.65 -28.05 -6.31
CA ILE A 20 20.19 -27.14 -5.26
C ILE A 20 19.23 -27.87 -4.33
N GLU A 21 18.28 -28.62 -4.90
CA GLU A 21 17.34 -29.36 -4.06
C GLU A 21 18.07 -30.26 -3.08
N ASN A 22 19.19 -30.84 -3.51
CA ASN A 22 19.93 -31.78 -2.67
C ASN A 22 20.98 -31.10 -1.80
N GLY A 23 21.14 -29.78 -1.89
CA GLY A 23 22.11 -29.11 -1.05
C GLY A 23 23.56 -29.44 -1.35
N GLU A 24 23.86 -29.74 -2.61
CA GLU A 24 25.19 -30.21 -3.03
C GLU A 24 26.00 -28.99 -3.50
N VAL A 25 26.71 -28.38 -2.56
CA VAL A 25 27.44 -27.14 -2.82
C VAL A 25 28.45 -27.32 -3.94
N ASP A 26 29.25 -28.39 -3.87
CA ASP A 26 30.27 -28.57 -4.89
C ASP A 26 29.66 -28.81 -6.26
N GLU A 27 28.57 -29.59 -6.32
CA GLU A 27 27.89 -29.80 -7.59
C GLU A 27 27.25 -28.51 -8.10
N VAL A 28 26.77 -27.65 -7.19
CA VAL A 28 26.22 -26.37 -7.62
C VAL A 28 27.32 -25.51 -8.24
N ILE A 29 28.48 -25.44 -7.57
CA ILE A 29 29.60 -24.66 -8.10
C ILE A 29 30.01 -25.16 -9.48
N LYS A 30 29.99 -26.48 -9.67
CA LYS A 30 30.39 -27.06 -10.96
C LYS A 30 29.42 -26.69 -12.07
N LEU A 31 28.12 -26.83 -11.82
CA LEU A 31 27.12 -26.60 -12.85
C LEU A 31 26.85 -25.12 -13.09
N ALA A 32 27.02 -24.27 -12.06
CA ALA A 32 26.57 -22.89 -12.18
C ALA A 32 27.39 -22.07 -13.17
N SER A 33 28.65 -22.43 -13.39
CA SER A 33 29.47 -21.71 -14.36
C SER A 33 29.04 -21.97 -15.80
N GLY A 34 28.15 -22.92 -16.04
CA GLY A 34 27.77 -23.25 -17.40
C GLY A 34 26.28 -23.15 -17.68
N THR A 35 25.47 -23.09 -16.63
CA THR A 35 24.02 -23.08 -16.75
C THR A 35 23.49 -21.66 -16.85
N ASP A 36 22.40 -21.48 -17.59
CA ASP A 36 21.72 -20.18 -17.65
C ASP A 36 21.07 -19.92 -16.31
N LEU A 37 21.63 -19.00 -15.54
CA LEU A 37 21.20 -18.81 -14.17
C LEU A 37 20.03 -17.85 -14.04
N ASN A 38 19.87 -16.94 -14.99
CA ASN A 38 18.89 -15.87 -14.83
C ASN A 38 17.65 -16.04 -15.70
N LYS A 39 17.63 -17.02 -16.58
CA LYS A 39 16.44 -17.24 -17.40
C LYS A 39 15.35 -17.84 -16.51
N PRO A 40 14.20 -17.18 -16.35
CA PRO A 40 13.17 -17.71 -15.47
C PRO A 40 12.59 -19.02 -15.99
N GLY A 41 12.19 -19.86 -15.05
CA GLY A 41 11.34 -21.00 -15.33
C GLY A 41 9.88 -20.63 -15.19
N LYS A 42 9.06 -21.67 -15.02
CA LYS A 42 7.63 -21.53 -14.87
C LYS A 42 7.28 -20.83 -13.55
N GLU A 43 6.08 -20.22 -13.52
CA GLU A 43 5.53 -19.57 -12.33
C GLU A 43 6.45 -18.48 -11.78
N ASP A 44 7.25 -17.87 -12.65
CA ASP A 44 8.19 -16.81 -12.32
C ASP A 44 9.37 -17.33 -11.49
N MET A 45 9.45 -18.64 -11.23
CA MET A 45 10.59 -19.17 -10.50
C MET A 45 11.89 -18.93 -11.24
N THR A 46 12.91 -18.49 -10.50
CA THR A 46 14.27 -18.43 -10.98
C THR A 46 15.10 -19.41 -10.15
N LEU A 47 16.28 -19.73 -10.65
CA LEU A 47 17.16 -20.62 -9.91
C LEU A 47 17.58 -20.01 -8.58
N LEU A 48 17.71 -18.67 -8.51
CA LEU A 48 18.07 -18.07 -7.23
C LEU A 48 16.89 -18.12 -6.25
N PHE A 49 15.67 -17.84 -6.70
CA PHE A 49 14.53 -18.01 -5.81
C PHE A 49 14.40 -19.47 -5.38
N TRP A 50 14.69 -20.39 -6.30
CA TRP A 50 14.68 -21.81 -5.96
C TRP A 50 15.68 -22.12 -4.84
N ALA A 51 16.87 -21.51 -4.89
CA ALA A 51 17.82 -21.71 -3.80
C ALA A 51 17.30 -21.15 -2.48
N VAL A 52 16.65 -19.97 -2.51
CA VAL A 52 16.05 -19.46 -1.27
C VAL A 52 15.01 -20.46 -0.73
N MET A 53 14.15 -20.95 -1.62
CA MET A 53 13.09 -21.89 -1.26
C MET A 53 13.66 -23.18 -0.67
N ASN A 54 14.91 -23.50 -0.96
CA ASN A 54 15.55 -24.71 -0.46
C ASN A 54 16.50 -24.45 0.69
N SER A 55 16.34 -23.31 1.37
CA SER A 55 17.16 -22.99 2.54
C SER A 55 16.30 -22.47 3.69
N ILE A 56 15.06 -22.95 3.79
CA ILE A 56 14.17 -22.49 4.84
C ILE A 56 13.77 -23.66 5.74
N ASN A 57 13.29 -23.31 6.93
CA ASN A 57 12.78 -24.27 7.92
C ASN A 57 13.93 -25.21 8.29
N ASN A 58 13.73 -26.52 8.20
CA ASN A 58 14.76 -27.49 8.53
C ASN A 58 15.99 -27.34 7.65
N GLN A 59 15.84 -26.78 6.47
CA GLN A 59 16.92 -26.71 5.48
C GLN A 59 17.71 -25.40 5.56
N LYS A 60 17.47 -24.56 6.56
CA LYS A 60 18.27 -23.35 6.75
C LYS A 60 19.61 -23.73 7.39
N THR A 61 20.47 -24.33 6.58
CA THR A 61 21.78 -24.80 7.00
C THR A 61 22.90 -23.97 6.40
N PRO A 62 24.08 -23.97 7.01
CA PRO A 62 25.20 -23.22 6.41
C PRO A 62 25.45 -23.57 4.96
N GLU A 63 25.40 -24.86 4.63
CA GLU A 63 25.70 -25.29 3.27
CA GLU A 63 25.69 -25.31 3.28
C GLU A 63 24.63 -24.80 2.30
N ARG A 64 23.36 -24.90 2.68
CA ARG A 64 22.30 -24.47 1.76
C ARG A 64 22.24 -22.94 1.65
N LEU A 65 22.59 -22.23 2.72
CA LEU A 65 22.77 -20.79 2.58
C LEU A 65 23.95 -20.48 1.66
N ASN A 66 25.03 -21.27 1.75
CA ASN A 66 26.17 -21.02 0.87
C ASN A 66 25.83 -21.28 -0.59
N VAL A 67 24.84 -22.14 -0.86
CA VAL A 67 24.41 -22.37 -2.24
C VAL A 67 23.91 -21.06 -2.84
N ILE A 68 23.19 -20.25 -2.06
CA ILE A 68 22.76 -18.92 -2.50
C ILE A 68 23.96 -18.07 -2.88
N THR A 69 24.97 -18.03 -2.00
CA THR A 69 26.19 -17.27 -2.24
C THR A 69 26.87 -17.71 -3.52
N MET A 70 26.98 -19.03 -3.73
CA MET A 70 27.78 -19.47 -4.87
C MET A 70 27.05 -19.22 -6.19
N LEU A 71 25.71 -19.33 -6.20
CA LEU A 71 24.95 -18.98 -7.41
C LEU A 71 25.17 -17.52 -7.78
N ILE A 72 25.15 -16.62 -6.79
CA ILE A 72 25.30 -15.22 -7.11
C ILE A 72 26.72 -14.92 -7.58
N LYS A 73 27.73 -15.52 -6.92
CA LYS A 73 29.10 -15.37 -7.41
C LYS A 73 29.22 -15.83 -8.85
N ALA A 74 28.47 -16.85 -9.24
CA ALA A 74 28.51 -17.39 -10.59
C ALA A 74 27.75 -16.54 -11.60
N GLY A 75 27.00 -15.53 -11.17
CA GLY A 75 26.21 -14.73 -12.08
C GLY A 75 24.72 -14.66 -11.83
N ALA A 76 24.17 -15.40 -10.88
CA ALA A 76 22.74 -15.26 -10.58
C ALA A 76 22.50 -13.86 -10.00
N ASP A 77 21.54 -13.14 -10.56
CA ASP A 77 21.32 -11.73 -10.25
C ASP A 77 20.35 -11.58 -9.08
N PRO A 78 20.80 -11.15 -7.90
CA PRO A 78 19.89 -11.01 -6.75
C PRO A 78 18.93 -9.84 -6.88
N LEU A 79 19.16 -8.97 -7.87
CA LEU A 79 18.31 -7.80 -8.11
C LEU A 79 17.45 -7.97 -9.34
N GLN A 80 17.32 -9.18 -9.87
CA GLN A 80 16.47 -9.36 -11.03
C GLN A 80 15.01 -9.26 -10.62
N PRO A 81 14.24 -8.34 -11.20
CA PRO A 81 12.80 -8.27 -10.89
C PRO A 81 12.04 -9.45 -11.46
N ARG A 82 10.88 -9.69 -10.88
CA ARG A 82 9.85 -10.52 -11.50
C ARG A 82 8.91 -9.62 -12.29
N PRO A 83 8.04 -10.18 -13.12
CA PRO A 83 7.16 -9.33 -13.95
C PRO A 83 6.16 -8.53 -13.13
N GLN A 84 5.66 -7.47 -13.79
CA GLN A 84 4.59 -6.62 -13.25
C GLN A 84 4.96 -5.97 -11.93
N GLY A 85 6.24 -5.63 -11.74
CA GLY A 85 6.61 -4.96 -10.52
C GLY A 85 6.78 -5.85 -9.30
N LYS A 86 6.85 -7.17 -9.47
CA LYS A 86 7.12 -8.04 -8.34
C LYS A 86 8.62 -8.07 -8.06
N ASN A 87 8.98 -8.34 -6.80
CA ASN A 87 10.33 -7.97 -6.38
C ASN A 87 11.35 -9.09 -6.60
N SER A 88 12.60 -8.73 -6.36
CA SER A 88 13.76 -9.57 -6.60
C SER A 88 14.09 -10.39 -5.37
N PRO A 89 14.95 -11.43 -5.50
CA PRO A 89 15.30 -12.22 -4.30
C PRO A 89 15.88 -11.38 -3.17
N ALA A 90 16.69 -10.38 -3.49
CA ALA A 90 17.28 -9.55 -2.44
C ALA A 90 16.21 -8.76 -1.71
N GLU A 91 15.30 -8.13 -2.46
CA GLU A 91 14.21 -7.40 -1.82
C GLU A 91 13.34 -8.34 -1.01
N PHE A 92 13.03 -9.51 -1.58
CA PHE A 92 12.19 -10.51 -0.93
C PHE A 92 12.77 -10.90 0.42
N VAL A 93 14.07 -11.23 0.48
CA VAL A 93 14.60 -11.74 1.74
C VAL A 93 14.90 -10.63 2.74
N LEU A 94 14.93 -9.38 2.29
CA LEU A 94 15.02 -8.28 3.24
C LEU A 94 13.76 -8.16 4.10
N MET A 95 12.65 -8.74 3.65
CA MET A 95 11.43 -8.71 4.45
C MET A 95 11.37 -9.83 5.47
N ALA A 96 12.39 -10.70 5.52
CA ALA A 96 12.36 -11.87 6.40
C ALA A 96 12.58 -11.45 7.85
N ASP A 97 12.28 -12.37 8.77
CA ASP A 97 12.48 -12.13 10.20
C ASP A 97 13.86 -12.58 10.69
N ASN A 98 14.76 -12.90 9.78
CA ASN A 98 16.10 -13.39 10.12
C ASN A 98 17.01 -12.97 8.98
N ALA A 99 18.24 -12.60 9.30
CA ALA A 99 19.13 -12.04 8.29
C ALA A 99 19.99 -13.08 7.59
N ASP A 100 19.78 -14.38 7.82
CA ASP A 100 20.68 -15.37 7.24
C ASP A 100 20.69 -15.31 5.72
N TRP A 101 19.52 -15.10 5.10
CA TRP A 101 19.43 -15.11 3.64
C TRP A 101 20.08 -13.86 3.04
N ILE A 102 19.79 -12.66 3.58
CA ILE A 102 20.41 -11.48 2.99
C ILE A 102 21.93 -11.52 3.19
N LYS A 103 22.40 -12.06 4.32
CA LYS A 103 23.83 -12.18 4.54
C LYS A 103 24.48 -13.07 3.47
N ALA A 104 23.82 -14.18 3.12
CA ALA A 104 24.33 -15.04 2.07
C ALA A 104 24.52 -14.27 0.79
N MET A 105 23.65 -13.29 0.52
CA MET A 105 23.72 -12.50 -0.68
C MET A 105 24.80 -11.44 -0.56
N LEU A 106 24.90 -10.82 0.62
CA LEU A 106 25.94 -9.82 0.84
C LEU A 106 27.32 -10.47 0.75
N ASN A 107 27.43 -11.74 1.14
CA ASN A 107 28.69 -12.45 1.06
C ASN A 107 29.13 -12.70 -0.38
N ALA A 108 28.23 -12.57 -1.34
CA ALA A 108 28.57 -12.72 -2.76
C ALA A 108 28.81 -11.38 -3.44
N GLY A 109 28.77 -10.29 -2.68
CA GLY A 109 29.09 -8.99 -3.23
C GLY A 109 27.92 -8.10 -3.58
N LEU A 110 26.70 -8.48 -3.23
CA LEU A 110 25.56 -7.57 -3.39
C LEU A 110 25.84 -6.28 -2.62
N SER A 111 25.65 -5.13 -3.26
CA SER A 111 25.93 -3.86 -2.59
C SER A 111 24.85 -3.54 -1.56
N PRO A 112 25.22 -3.18 -0.34
CA PRO A 112 24.19 -2.77 0.64
C PRO A 112 23.52 -1.47 0.24
N ASN A 113 24.07 -0.74 -0.73
CA ASN A 113 23.49 0.48 -1.28
C ASN A 113 22.80 0.25 -2.62
N ALA A 114 22.56 -1.02 -2.98
CA ALA A 114 21.94 -1.31 -4.27
C ALA A 114 20.54 -0.73 -4.36
N VAL A 115 20.14 -0.39 -5.58
CA VAL A 115 18.79 0.10 -5.87
C VAL A 115 18.09 -0.95 -6.72
N ASP A 116 16.77 -1.00 -6.61
CA ASP A 116 16.06 -2.02 -7.36
C ASP A 116 15.92 -1.59 -8.82
N LYS A 117 15.75 -2.58 -9.69
CA LYS A 117 15.78 -2.36 -11.13
C LYS A 117 14.45 -1.95 -11.74
N THR A 118 13.38 -1.92 -10.95
CA THR A 118 12.10 -1.45 -11.46
C THR A 118 11.84 0.00 -11.12
N PHE A 119 12.05 0.35 -9.85
CA PHE A 119 11.71 1.67 -9.33
C PHE A 119 12.92 2.51 -9.01
N GLY A 120 14.12 1.92 -8.97
CA GLY A 120 15.29 2.68 -8.59
C GLY A 120 15.37 3.04 -7.14
N LYS A 121 14.61 2.37 -6.28
CA LYS A 121 14.64 2.73 -4.88
C LYS A 121 15.68 1.87 -4.14
N PRO A 122 16.45 2.44 -3.23
CA PRO A 122 17.42 1.63 -2.48
C PRO A 122 16.73 0.46 -1.80
N ILE A 123 17.25 -0.77 -2.04
CA ILE A 123 16.54 -1.94 -1.54
C ILE A 123 16.45 -1.98 -0.01
N ILE A 124 17.35 -1.28 0.68
CA ILE A 124 17.34 -1.29 2.14
C ILE A 124 16.01 -0.80 2.71
N PHE A 125 15.26 0.02 1.95
CA PHE A 125 13.93 0.44 2.39
C PHE A 125 12.99 -0.74 2.59
N GLN A 126 13.25 -1.88 1.94
CA GLN A 126 12.34 -3.00 2.15
C GLN A 126 12.48 -3.63 3.53
N THR A 127 13.59 -3.38 4.25
CA THR A 127 13.70 -3.92 5.61
C THR A 127 12.64 -3.37 6.54
N LEU A 128 12.05 -2.22 6.22
CA LEU A 128 11.14 -1.58 7.15
C LEU A 128 9.85 -2.36 7.32
N GLU A 129 9.56 -3.31 6.45
CA GLU A 129 8.39 -4.16 6.60
C GLU A 129 8.67 -5.46 7.33
N ALA A 130 9.91 -5.68 7.75
CA ALA A 130 10.25 -6.90 8.46
C ALA A 130 9.74 -6.82 9.90
N LYS A 131 9.54 -8.01 10.46
CA LYS A 131 8.98 -8.15 11.80
C LYS A 131 9.94 -7.65 12.88
N ASN A 132 11.23 -7.59 12.57
CA ASN A 132 12.24 -7.13 13.51
C ASN A 132 13.32 -6.45 12.69
N THR A 133 14.39 -6.00 13.36
CA THR A 133 15.38 -5.17 12.70
C THR A 133 16.57 -5.96 12.16
N LYS A 134 16.50 -7.29 12.13
CA LYS A 134 17.71 -8.06 11.84
C LYS A 134 18.22 -7.83 10.43
N THR A 135 17.33 -7.77 9.43
CA THR A 135 17.82 -7.52 8.07
C THR A 135 18.35 -6.10 7.93
N LEU A 136 17.74 -5.12 8.62
CA LEU A 136 18.31 -3.78 8.60
C LEU A 136 19.69 -3.76 9.27
N GLN A 137 19.82 -4.46 10.41
CA GLN A 137 21.12 -4.56 11.05
C GLN A 137 22.18 -5.12 10.12
N ALA A 138 21.82 -6.15 9.36
CA ALA A 138 22.79 -6.80 8.48
C ALA A 138 23.25 -5.85 7.37
N MET A 139 22.32 -5.09 6.78
CA MET A 139 22.68 -4.12 5.76
C MET A 139 23.53 -3.01 6.33
N LEU A 140 23.22 -2.55 7.53
CA LEU A 140 24.03 -1.48 8.13
C LEU A 140 25.41 -2.00 8.47
N ASP A 141 25.49 -3.23 9.01
CA ASP A 141 26.78 -3.82 9.37
C ASP A 141 27.70 -3.98 8.17
N LYS A 142 27.14 -4.22 6.99
CA LYS A 142 27.91 -4.35 5.76
C LYS A 142 28.33 -3.02 5.16
N GLY A 143 27.84 -1.89 5.69
CA GLY A 143 28.26 -0.60 5.22
C GLY A 143 27.25 0.21 4.44
N ALA A 144 25.97 -0.12 4.51
CA ALA A 144 24.98 0.71 3.82
C ALA A 144 25.05 2.14 4.34
N ASP A 145 24.80 3.10 3.45
CA ASP A 145 24.69 4.50 3.84
C ASP A 145 23.44 4.67 4.69
N ILE A 146 23.62 4.88 6.00
CA ILE A 146 22.48 4.99 6.90
C ILE A 146 21.59 6.18 6.56
N ASN A 147 22.10 7.18 5.84
CA ASN A 147 21.31 8.35 5.46
C ASN A 147 20.91 8.35 4.00
N ILE A 148 20.89 7.17 3.35
CA ILE A 148 20.49 7.08 1.95
C ILE A 148 19.03 7.50 1.81
N THR A 149 18.71 8.18 0.70
CA THR A 149 17.39 8.73 0.48
C THR A 149 16.69 8.08 -0.70
N ASP A 150 15.35 8.05 -0.66
CA ASP A 150 14.55 7.65 -1.82
C ASP A 150 14.39 8.85 -2.76
N SER A 151 13.56 8.71 -3.80
CA SER A 151 13.46 9.76 -4.83
C SER A 151 12.80 11.02 -4.30
N LEU A 152 12.13 10.96 -3.17
CA LEU A 152 11.48 12.11 -2.57
C LEU A 152 12.25 12.70 -1.41
N GLY A 153 13.50 12.29 -1.22
CA GLY A 153 14.30 12.78 -0.12
C GLY A 153 14.05 12.12 1.22
N ASN A 154 13.18 11.12 1.31
CA ASN A 154 12.98 10.43 2.57
C ASN A 154 14.19 9.55 2.90
N THR A 155 14.59 9.60 4.16
CA THR A 155 15.55 8.67 4.73
C THR A 155 14.85 7.45 5.32
N LEU A 156 15.64 6.44 5.69
CA LEU A 156 15.09 5.31 6.43
C LEU A 156 14.43 5.77 7.73
N LEU A 157 15.05 6.73 8.42
CA LEU A 157 14.47 7.20 9.67
C LEU A 157 13.07 7.78 9.46
N ILE A 158 12.92 8.62 8.44
CA ILE A 158 11.63 9.22 8.15
C ILE A 158 10.61 8.15 7.74
N ASP A 159 11.01 7.29 6.80
CA ASP A 159 10.07 6.27 6.32
C ASP A 159 9.71 5.29 7.43
N ALA A 160 10.67 4.94 8.30
CA ALA A 160 10.36 3.96 9.33
C ALA A 160 9.32 4.47 10.30
N LEU A 161 9.40 5.76 10.67
CA LEU A 161 8.37 6.29 11.55
C LEU A 161 7.01 6.33 10.86
N ASP A 162 6.97 6.76 9.59
CA ASP A 162 5.71 6.76 8.86
C ASP A 162 5.11 5.36 8.77
N PHE A 163 5.97 4.35 8.66
CA PHE A 163 5.58 2.94 8.60
C PHE A 163 5.11 2.41 9.96
N HIS A 164 5.29 3.19 11.02
CA HIS A 164 5.11 2.75 12.40
C HIS A 164 6.04 1.60 12.74
N SER A 165 7.21 1.55 12.11
CA SER A 165 8.23 0.54 12.39
C SER A 165 9.14 1.08 13.49
N TYR A 166 8.62 1.06 14.71
CA TYR A 166 9.24 1.81 15.81
C TYR A 166 10.60 1.24 16.21
N ASP A 167 10.77 -0.08 16.16
CA ASP A 167 12.06 -0.65 16.53
C ASP A 167 13.12 -0.35 15.48
N HIS A 168 12.71 -0.22 14.21
CA HIS A 168 13.61 0.25 13.17
C HIS A 168 14.02 1.70 13.41
N VAL A 169 13.07 2.56 13.83
CA VAL A 169 13.42 3.94 14.18
C VAL A 169 14.47 3.97 15.29
N LEU A 170 14.22 3.22 16.37
CA LEU A 170 15.15 3.21 17.49
C LEU A 170 16.52 2.70 17.09
N LEU A 171 16.59 1.65 16.29
CA LEU A 171 17.88 1.14 15.84
C LEU A 171 18.63 2.17 15.02
N LEU A 172 17.92 2.85 14.11
CA LEU A 172 18.55 3.84 13.25
C LEU A 172 19.11 4.99 14.08
N LEU A 173 18.37 5.45 15.09
CA LEU A 173 18.91 6.51 15.95
C LEU A 173 20.14 6.03 16.69
N GLU A 174 20.08 4.84 17.27
CA GLU A 174 21.20 4.29 18.04
C GLU A 174 22.45 4.14 17.18
N ARG A 175 22.30 3.87 15.88
CA ARG A 175 23.44 3.70 14.98
C ARG A 175 23.91 5.02 14.40
N GLY A 176 23.32 6.14 14.81
CA GLY A 176 23.82 7.44 14.40
C GLY A 176 23.19 8.02 13.16
N ALA A 177 22.04 7.51 12.72
CA ALA A 177 21.33 8.14 11.62
C ALA A 177 21.11 9.61 11.92
N ASP A 178 21.24 10.43 10.89
CA ASP A 178 21.11 11.87 11.03
C ASP A 178 19.63 12.24 11.12
N PRO A 179 19.15 12.72 12.28
CA PRO A 179 17.73 13.02 12.41
C PRO A 179 17.30 14.39 11.87
N GLU A 180 18.23 15.25 11.49
CA GLU A 180 17.85 16.58 11.02
C GLU A 180 17.64 16.65 9.51
N ILE A 181 17.83 15.55 8.78
CA ILE A 181 17.63 15.59 7.33
C ILE A 181 16.16 15.86 7.03
N LYS A 182 15.91 16.78 6.11
CA LYS A 182 14.56 17.06 5.65
C LYS A 182 14.30 16.36 4.31
N ALA A 183 13.13 15.75 4.19
CA ALA A 183 12.69 15.26 2.89
C ALA A 183 12.42 16.43 1.95
N ASP A 184 12.03 16.11 0.71
CA ASP A 184 11.76 17.15 -0.27
C ASP A 184 10.66 18.10 0.18
N ASN A 185 9.73 17.61 1.01
CA ASN A 185 8.62 18.43 1.49
C ASN A 185 8.97 19.24 2.73
N GLY A 186 10.22 19.19 3.18
CA GLY A 186 10.65 19.96 4.33
C GLY A 186 10.41 19.32 5.68
N TRP A 187 9.92 18.09 5.74
CA TRP A 187 9.67 17.43 7.01
C TRP A 187 10.91 16.67 7.46
N THR A 188 11.16 16.69 8.77
CA THR A 188 12.06 15.74 9.42
C THR A 188 11.24 14.64 10.05
N MET A 189 11.94 13.59 10.51
CA MET A 189 11.26 12.58 11.31
C MET A 189 10.61 13.22 12.54
N GLY A 190 11.31 14.18 13.16
CA GLY A 190 10.78 14.80 14.36
C GLY A 190 9.46 15.52 14.14
N ASN A 191 9.29 16.16 12.98
CA ASN A 191 8.00 16.80 12.68
C ASN A 191 6.87 15.79 12.77
N GLN A 192 7.07 14.59 12.22
CA GLN A 192 6.03 13.57 12.32
C GLN A 192 5.92 13.01 13.73
N LEU A 193 7.04 12.90 14.45
CA LEU A 193 7.01 12.36 15.81
C LEU A 193 6.15 13.25 16.71
N GLN A 194 6.29 14.57 16.57
CA GLN A 194 5.47 15.50 17.34
C GLN A 194 4.00 15.32 17.00
N ARG A 195 3.69 15.19 15.71
CA ARG A 195 2.31 14.97 15.29
C ARG A 195 1.75 13.67 15.87
N PHE A 196 2.54 12.58 15.82
CA PHE A 196 2.09 11.31 16.38
C PHE A 196 1.84 11.44 17.88
N LEU A 197 2.78 12.09 18.59
CA LEU A 197 2.63 12.27 20.03
C LEU A 197 1.39 13.09 20.36
N ASP A 198 1.09 14.12 19.56
CA ASP A 198 -0.11 14.92 19.78
C ASP A 198 -1.40 14.13 19.56
N ARG A 199 -1.36 13.08 18.73
CA ARG A 199 -2.54 12.29 18.45
C ARG A 199 -2.64 11.02 19.29
N ALA A 200 -1.57 10.64 19.99
CA ALA A 200 -1.59 9.40 20.74
C ALA A 200 -2.41 9.56 22.02
N LYS A 201 -2.85 8.42 22.55
CA LYS A 201 -3.58 8.37 23.81
C LYS A 201 -2.58 8.29 24.94
N VAL A 202 -2.64 9.28 25.86
CA VAL A 202 -1.67 9.34 26.95
C VAL A 202 -1.72 8.05 27.75
N GLY A 203 -0.55 7.46 28.01
CA GLY A 203 -0.47 6.23 28.76
C GLY A 203 -0.68 4.97 27.96
N SER A 204 -1.05 5.07 26.69
CA SER A 204 -1.16 3.87 25.87
C SER A 204 0.23 3.31 25.59
N ASP A 205 0.25 2.05 25.14
CA ASP A 205 1.52 1.43 24.77
C ASP A 205 2.18 2.18 23.63
N GLU A 206 1.39 2.73 22.71
CA GLU A 206 1.95 3.47 21.60
C GLU A 206 2.52 4.81 22.08
N TYR A 207 1.87 5.44 23.05
CA TYR A 207 2.39 6.67 23.62
C TYR A 207 3.73 6.43 24.31
N LYS A 208 3.84 5.31 25.04
CA LYS A 208 5.12 4.99 25.67
C LYS A 208 6.20 4.77 24.63
N LYS A 209 5.86 4.10 23.53
CA LYS A 209 6.86 3.83 22.50
C LYS A 209 7.29 5.10 21.78
N LEU A 210 6.34 6.00 21.52
CA LEU A 210 6.69 7.27 20.88
C LEU A 210 7.58 8.11 21.79
N ASN A 211 7.31 8.09 23.10
CA ASN A 211 8.16 8.83 24.03
C ASN A 211 9.52 8.17 24.19
N GLU A 212 9.60 6.84 24.07
CA GLU A 212 10.91 6.20 24.03
C GLU A 212 11.72 6.71 22.85
N ILE A 213 11.08 6.82 21.68
CA ILE A 213 11.77 7.36 20.51
C ILE A 213 12.23 8.79 20.76
N LYS A 214 11.35 9.62 21.36
CA LYS A 214 11.74 11.00 21.65
C LYS A 214 12.93 11.05 22.59
N ASP A 215 12.90 10.25 23.66
CA ASP A 215 14.03 10.20 24.59
C ASP A 215 15.33 9.79 23.90
N VAL A 216 15.26 8.79 23.02
CA VAL A 216 16.46 8.33 22.33
C VAL A 216 16.92 9.36 21.32
N LEU A 217 15.99 10.02 20.64
CA LEU A 217 16.36 11.10 19.73
C LEU A 217 17.15 12.16 20.47
N ILE A 218 16.66 12.56 21.65
CA ILE A 218 17.33 13.59 22.44
C ILE A 218 18.67 13.09 22.93
N GLN A 219 18.73 11.82 23.36
CA GLN A 219 19.97 11.26 23.87
C GLN A 219 21.07 11.28 22.81
N HIS A 220 20.71 11.12 21.53
CA HIS A 220 21.67 11.14 20.45
C HIS A 220 21.83 12.51 19.83
N GLY A 221 21.40 13.55 20.56
CA GLY A 221 21.72 14.91 20.20
C GLY A 221 20.80 15.57 19.21
N GLY A 222 19.65 14.95 18.93
CA GLY A 222 18.73 15.52 17.96
C GLY A 222 17.89 16.64 18.56
N LYS A 223 17.48 17.56 17.69
CA LYS A 223 16.72 18.72 18.15
C LYS A 223 15.31 18.32 18.56
N TRP A 224 14.87 18.84 19.72
CA TRP A 224 13.52 18.64 20.19
C TRP A 224 13.15 19.85 21.04
N PRO A 225 12.00 20.51 20.77
CA PRO A 225 10.97 20.21 19.76
C PRO A 225 11.45 20.51 18.36
N PRO A 226 10.77 19.96 17.35
CA PRO A 226 11.19 20.20 15.97
C PRO A 226 10.87 21.62 15.53
N THR A 227 11.69 22.13 14.62
CA THR A 227 11.34 23.36 13.93
C THR A 227 10.07 23.14 13.12
N PRO A 228 9.13 24.08 13.15
CA PRO A 228 7.96 23.97 12.28
C PRO A 228 8.38 23.86 10.81
N VAL A 229 7.58 23.13 10.04
CA VAL A 229 7.85 22.99 8.62
C VAL A 229 7.67 24.34 7.93
N LYS A 230 8.62 24.72 7.09
CA LYS A 230 8.53 25.97 6.34
C LYS A 230 7.61 25.81 5.13
N HIS B 10 -27.09 10.35 -30.44
CA HIS B 10 -26.11 11.42 -30.27
C HIS B 10 -25.43 11.30 -28.91
N THR B 11 -24.68 12.34 -28.53
CA THR B 11 -23.87 12.30 -27.32
C THR B 11 -23.75 13.70 -26.74
N SER B 12 -22.95 13.82 -25.67
CA SER B 12 -22.65 15.08 -25.02
C SER B 12 -21.36 14.92 -24.23
N THR B 13 -20.59 16.01 -24.12
CA THR B 13 -19.34 15.93 -23.38
C THR B 13 -19.60 15.90 -21.88
N LYS B 14 -18.68 15.28 -21.15
CA LYS B 14 -18.79 15.24 -19.70
C LYS B 14 -18.77 16.65 -19.10
N ALA B 15 -18.01 17.56 -19.70
CA ALA B 15 -17.97 18.93 -19.21
C ALA B 15 -19.33 19.60 -19.31
N GLU B 16 -20.04 19.37 -20.41
CA GLU B 16 -21.38 19.94 -20.53
C GLU B 16 -22.33 19.35 -19.50
N ARG B 17 -22.26 18.03 -19.30
CA ARG B 17 -23.13 17.37 -18.35
C ARG B 17 -22.81 17.80 -16.92
N TRP B 18 -21.53 17.98 -16.60
CA TRP B 18 -21.16 18.44 -15.27
C TRP B 18 -21.73 19.84 -15.00
N GLN B 19 -21.56 20.73 -15.97
CA GLN B 19 -22.05 22.10 -15.82
C GLN B 19 -23.57 22.12 -15.64
N ALA B 20 -24.28 21.32 -16.42
CA ALA B 20 -25.74 21.27 -16.33
C ALA B 20 -26.19 20.79 -14.96
N ARG B 21 -25.44 19.69 -14.43
CA ARG B 21 -25.83 19.24 -13.11
C ARG B 21 -25.64 20.37 -12.09
N LYS B 22 -24.40 21.09 -12.12
CA LYS B 22 -24.14 22.23 -11.25
C LYS B 22 -25.29 23.25 -11.29
N ASP B 23 -25.72 23.58 -12.50
CA ASP B 23 -26.81 24.54 -12.64
C ASP B 23 -28.08 24.02 -11.99
N LEU B 24 -28.39 22.73 -12.18
CA LEU B 24 -29.57 22.14 -11.55
C LEU B 24 -29.46 22.20 -10.03
N ILE B 25 -28.27 21.91 -9.49
CA ILE B 25 -28.07 21.97 -8.05
C ILE B 25 -28.33 23.38 -7.54
N ALA B 26 -27.79 24.38 -8.23
CA ALA B 26 -27.97 25.76 -7.80
C ALA B 26 -29.43 26.18 -7.83
N LYS B 27 -30.20 25.66 -8.79
CA LYS B 27 -31.65 25.89 -8.80
C LYS B 27 -32.27 25.43 -7.50
N GLY B 28 -31.96 24.21 -7.06
CA GLY B 28 -32.47 23.72 -5.79
C GLY B 28 -31.98 24.55 -4.62
N SER B 29 -30.71 24.93 -4.62
CA SER B 29 -30.15 25.62 -3.46
C SER B 29 -30.67 27.05 -3.35
N ASN B 30 -31.04 27.67 -4.48
CA ASN B 30 -31.66 28.99 -4.49
C ASN B 30 -33.18 28.95 -4.38
N SER B 31 -33.77 27.76 -4.31
CA SER B 31 -35.21 27.66 -4.22
C SER B 31 -35.70 28.22 -2.88
N LEU B 32 -36.95 28.70 -2.88
CA LEU B 32 -37.60 29.08 -1.64
C LEU B 32 -38.21 27.90 -0.90
N TYR B 33 -38.25 26.73 -1.53
CA TYR B 33 -38.87 25.55 -0.94
C TYR B 33 -37.81 24.76 -0.17
N PRO B 34 -38.05 24.48 1.11
CA PRO B 34 -37.08 23.67 1.87
C PRO B 34 -36.71 22.33 1.23
N ASP B 35 -37.65 21.64 0.58
CA ASP B 35 -37.33 20.31 0.09
C ASP B 35 -36.41 20.36 -1.12
N ALA B 36 -36.53 21.40 -1.94
CA ALA B 36 -35.57 21.60 -3.03
C ALA B 36 -34.19 21.93 -2.49
N GLN B 37 -34.13 22.73 -1.42
CA GLN B 37 -32.84 23.09 -0.82
C GLN B 37 -32.14 21.87 -0.23
N ILE B 38 -32.89 21.03 0.49
CA ILE B 38 -32.31 19.81 1.04
C ILE B 38 -31.86 18.88 -0.08
N ALA B 39 -32.69 18.73 -1.11
CA ALA B 39 -32.34 17.86 -2.23
C ALA B 39 -31.08 18.33 -2.94
N ALA B 40 -30.91 19.65 -3.05
CA ALA B 40 -29.74 20.19 -3.75
C ALA B 40 -28.46 19.87 -3.00
N LYS B 41 -28.51 19.89 -1.67
CA LYS B 41 -27.32 19.56 -0.87
CA LYS B 41 -27.31 19.56 -0.88
C LYS B 41 -26.95 18.09 -1.03
N ARG B 42 -27.94 17.20 -0.93
CA ARG B 42 -27.65 15.78 -1.09
C ARG B 42 -27.27 15.45 -2.53
N LEU B 43 -27.91 16.09 -3.51
CA LEU B 43 -27.53 15.87 -4.89
C LEU B 43 -26.08 16.30 -5.13
N ALA B 44 -25.66 17.41 -4.53
CA ALA B 44 -24.28 17.85 -4.69
C ALA B 44 -23.31 16.85 -4.10
N ALA B 45 -23.66 16.28 -2.94
CA ALA B 45 -22.82 15.25 -2.33
C ALA B 45 -22.78 13.99 -3.18
N ASN B 46 -23.93 13.55 -3.71
CA ASN B 46 -23.94 12.32 -4.48
C ASN B 46 -23.25 12.48 -5.82
N ASN B 47 -23.29 13.69 -6.39
CA ASN B 47 -22.56 13.99 -7.62
C ASN B 47 -21.08 13.74 -7.44
N ILE B 48 -20.53 14.16 -6.31
CA ILE B 48 -19.13 13.91 -6.02
C ILE B 48 -18.90 12.44 -5.71
N ALA B 49 -19.74 11.88 -4.82
CA ALA B 49 -19.58 10.50 -4.39
C ALA B 49 -19.61 9.51 -5.53
N VAL B 50 -20.48 9.70 -6.53
CA VAL B 50 -20.55 8.67 -7.56
C VAL B 50 -19.28 8.68 -8.40
N GLU B 51 -18.60 9.83 -8.49
CA GLU B 51 -17.30 9.88 -9.17
C GLU B 51 -16.27 9.06 -8.39
N LYS B 52 -16.21 9.25 -7.07
CA LYS B 52 -15.33 8.43 -6.25
C LYS B 52 -15.67 6.95 -6.39
N ALA B 53 -16.96 6.62 -6.52
CA ALA B 53 -17.36 5.23 -6.59
C ALA B 53 -16.94 4.60 -7.92
N LYS B 54 -17.00 5.39 -9.00
CA LYS B 54 -16.55 4.87 -10.29
C LYS B 54 -15.04 4.64 -10.28
N LEU B 55 -14.28 5.45 -9.54
CA LEU B 55 -12.86 5.17 -9.40
C LEU B 55 -12.64 3.90 -8.58
N ALA B 56 -13.41 3.71 -7.51
CA ALA B 56 -13.29 2.51 -6.70
C ALA B 56 -13.62 1.25 -7.50
N GLU B 57 -14.50 1.39 -8.51
CA GLU B 57 -14.77 0.28 -9.40
C GLU B 57 -13.59 0.04 -10.34
N ASN B 58 -12.94 1.12 -10.78
CA ASN B 58 -11.90 1.02 -11.80
C ASN B 58 -10.66 0.33 -11.27
N VAL B 59 -10.38 0.44 -9.97
CA VAL B 59 -9.11 -0.13 -9.49
C VAL B 59 -9.10 -1.64 -9.60
N TYR B 60 -10.27 -2.28 -9.65
CA TYR B 60 -10.28 -3.73 -9.87
C TYR B 60 -9.80 -4.12 -11.25
N LYS B 61 -9.70 -3.16 -12.19
CA LYS B 61 -9.30 -3.48 -13.55
C LYS B 61 -7.79 -3.44 -13.75
N THR B 62 -7.03 -2.94 -12.78
CA THR B 62 -5.58 -2.96 -12.90
C THR B 62 -5.08 -4.40 -12.92
N VAL B 63 -4.31 -4.75 -13.95
CA VAL B 63 -3.68 -6.07 -14.00
C VAL B 63 -2.19 -5.87 -13.72
N ASN B 64 -1.45 -5.44 -14.72
CA ASN B 64 -0.04 -5.07 -14.50
C ASN B 64 0.00 -3.67 -13.92
N PRO B 65 0.40 -3.51 -12.65
CA PRO B 65 0.39 -2.16 -12.04
C PRO B 65 1.37 -1.21 -12.69
N LEU B 66 2.31 -1.72 -13.49
CA LEU B 66 3.23 -0.89 -14.25
C LEU B 66 2.64 -0.38 -15.55
N GLU B 67 1.42 -0.79 -15.88
CA GLU B 67 0.77 -0.43 -17.12
C GLU B 67 -0.49 0.37 -16.84
N ALA B 68 -1.06 0.92 -17.90
CA ALA B 68 -2.30 1.66 -17.77
C ALA B 68 -3.43 0.76 -17.29
N THR B 69 -4.30 1.32 -16.45
CA THR B 69 -5.56 0.65 -16.11
C THR B 69 -6.60 1.02 -17.15
N PRO B 70 -7.23 0.05 -17.82
CA PRO B 70 -8.21 0.40 -18.85
C PRO B 70 -9.52 0.88 -18.24
N GLY B 71 -10.29 1.61 -19.05
CA GLY B 71 -11.62 2.00 -18.65
C GLY B 71 -11.70 3.09 -17.62
N VAL B 72 -10.68 3.95 -17.54
CA VAL B 72 -10.67 4.99 -16.50
C VAL B 72 -11.86 5.91 -16.70
N PRO B 73 -12.65 6.20 -15.67
CA PRO B 73 -13.86 7.01 -15.83
C PRO B 73 -13.59 8.34 -16.50
N GLU B 74 -14.57 8.77 -17.31
CA GLU B 74 -14.44 10.00 -18.08
C GLU B 74 -14.14 11.21 -17.18
N GLY B 75 -13.20 12.04 -17.62
CA GLY B 75 -12.81 13.22 -16.87
C GLY B 75 -11.70 12.98 -15.87
N TRP B 76 -11.20 11.75 -15.76
CA TRP B 76 -10.17 11.38 -14.81
C TRP B 76 -8.97 10.82 -15.57
N LYS B 77 -7.78 10.96 -14.97
CA LYS B 77 -6.58 10.39 -15.54
C LYS B 77 -5.84 9.60 -14.47
N ASP B 78 -5.43 8.38 -14.82
CA ASP B 78 -4.61 7.56 -13.94
C ASP B 78 -3.16 8.05 -13.98
N ILE B 79 -2.65 8.54 -12.85
CA ILE B 79 -1.27 9.00 -12.77
C ILE B 79 -0.41 8.02 -11.97
N SER B 80 -0.89 6.79 -11.79
CA SER B 80 -0.16 5.85 -10.93
C SER B 80 1.22 5.51 -11.47
N ASN B 81 1.49 5.78 -12.74
CA ASN B 81 2.81 5.51 -13.34
C ASN B 81 3.48 6.80 -13.81
N ASP B 82 3.10 7.94 -13.24
CA ASP B 82 3.64 9.25 -13.59
C ASP B 82 4.28 9.77 -12.31
N ALA B 83 5.57 9.49 -12.14
CA ALA B 83 6.25 9.90 -10.91
C ALA B 83 6.26 11.40 -10.74
N GLY B 84 6.39 12.15 -11.84
CA GLY B 84 6.39 13.60 -11.75
C GLY B 84 5.10 14.15 -11.18
N ALA B 85 3.96 13.54 -11.56
CA ALA B 85 2.67 13.93 -10.99
C ALA B 85 2.49 13.42 -9.56
N LEU B 86 2.93 12.19 -9.28
CA LEU B 86 2.77 11.64 -7.93
C LEU B 86 3.56 12.41 -6.88
N LYS B 87 4.68 13.02 -7.25
CA LYS B 87 5.51 13.59 -6.20
C LYS B 87 4.90 14.84 -5.59
N LYS B 88 3.92 15.45 -6.28
CA LYS B 88 3.17 16.55 -5.70
C LYS B 88 2.54 16.16 -4.36
N TYR B 89 2.19 14.89 -4.20
CA TYR B 89 1.52 14.41 -2.99
C TYR B 89 2.45 13.63 -2.09
N GLY B 90 3.76 13.65 -2.37
CA GLY B 90 4.70 12.87 -1.60
C GLY B 90 4.66 11.39 -1.90
N LEU B 91 4.12 11.01 -3.05
CA LEU B 91 4.00 9.61 -3.43
C LEU B 91 5.00 9.25 -4.51
N ASP B 92 5.27 7.95 -4.63
CA ASP B 92 6.03 7.42 -5.76
C ASP B 92 5.31 6.16 -6.24
N LYS B 93 5.86 5.52 -7.26
CA LYS B 93 5.19 4.34 -7.81
C LYS B 93 5.30 3.15 -6.87
N GLU B 94 6.45 3.03 -6.21
CA GLU B 94 6.76 1.81 -5.46
C GLU B 94 5.82 1.64 -4.26
N VAL B 95 5.41 2.74 -3.63
CA VAL B 95 4.61 2.62 -2.40
C VAL B 95 3.16 2.30 -2.67
N LEU B 96 2.72 2.24 -3.93
CA LEU B 96 1.31 2.08 -4.29
C LEU B 96 0.85 0.62 -4.32
N PHE B 97 1.74 -0.35 -4.19
CA PHE B 97 1.25 -1.72 -4.12
C PHE B 97 2.27 -2.62 -3.44
N ASP B 98 1.82 -3.80 -3.03
CA ASP B 98 2.72 -4.79 -2.48
CA ASP B 98 2.68 -4.84 -2.48
C ASP B 98 3.43 -5.50 -3.63
N HIS B 99 4.65 -5.99 -3.34
CA HIS B 99 5.50 -6.53 -4.39
C HIS B 99 5.93 -7.98 -4.21
N ALA B 100 5.64 -8.61 -3.06
CA ALA B 100 6.08 -9.99 -2.88
C ALA B 100 5.33 -10.96 -3.79
N ASP B 101 4.08 -10.67 -4.11
CA ASP B 101 3.20 -11.58 -4.82
C ASP B 101 2.22 -10.75 -5.64
N THR B 102 1.21 -11.42 -6.21
CA THR B 102 0.19 -10.71 -6.96
C THR B 102 -0.43 -9.63 -6.08
N PRO B 103 -0.61 -8.39 -6.60
CA PRO B 103 -1.01 -7.29 -5.72
C PRO B 103 -2.50 -7.23 -5.48
N ASP B 104 -2.98 -7.98 -4.48
CA ASP B 104 -4.33 -7.74 -3.99
C ASP B 104 -4.42 -6.36 -3.34
N PHE B 105 -3.41 -5.99 -2.53
CA PHE B 105 -3.30 -4.64 -1.99
C PHE B 105 -2.70 -3.72 -3.04
N LEU B 106 -3.48 -2.77 -3.54
CA LEU B 106 -2.98 -1.93 -4.61
C LEU B 106 -3.75 -0.62 -4.52
N ALA B 107 -3.05 0.48 -4.71
CA ALA B 107 -3.69 1.78 -4.82
C ALA B 107 -3.43 2.34 -6.21
N ARG B 108 -4.42 3.05 -6.74
CA ARG B 108 -4.24 3.89 -7.91
C ARG B 108 -4.55 5.33 -7.53
N VAL B 109 -3.88 6.26 -8.21
CA VAL B 109 -4.04 7.68 -7.98
C VAL B 109 -4.55 8.31 -9.27
N TYR B 110 -5.61 9.11 -9.16
CA TYR B 110 -6.30 9.67 -10.30
C TYR B 110 -6.36 11.18 -10.16
N GLN B 111 -6.11 11.90 -11.27
CA GLN B 111 -6.29 13.35 -11.20
C GLN B 111 -7.46 13.79 -12.07
N PRO B 112 -8.29 14.68 -11.57
CA PRO B 112 -9.43 15.15 -12.35
C PRO B 112 -9.02 16.14 -13.44
N ASP B 113 -9.78 16.12 -14.53
CA ASP B 113 -9.53 17.01 -15.66
C ASP B 113 -10.16 18.37 -15.36
N SER B 114 -9.33 19.41 -15.26
CA SER B 114 -9.85 20.74 -14.95
C SER B 114 -10.76 21.27 -16.06
N ALA B 115 -10.58 20.80 -17.30
CA ALA B 115 -11.48 21.18 -18.39
C ALA B 115 -12.88 20.64 -18.18
N VAL B 116 -13.02 19.59 -17.40
CA VAL B 116 -14.32 18.98 -17.12
C VAL B 116 -14.90 19.50 -15.82
N PHE B 117 -14.16 19.38 -14.72
CA PHE B 117 -14.68 19.69 -13.40
C PHE B 117 -14.27 21.07 -12.90
N GLY B 118 -13.49 21.83 -13.67
CA GLY B 118 -12.96 23.06 -13.15
C GLY B 118 -12.12 22.76 -11.93
N SER B 119 -12.48 23.35 -10.79
N SER B 119 -12.51 23.36 -10.81
CA SER B 119 -11.82 23.02 -9.52
CA SER B 119 -11.87 23.12 -9.51
C SER B 119 -12.79 22.38 -8.55
C SER B 119 -12.75 22.31 -8.56
N ASP B 120 -13.82 21.70 -9.06
CA ASP B 120 -14.81 21.06 -8.20
C ASP B 120 -14.35 19.70 -7.69
N MET B 121 -13.34 19.11 -8.28
CA MET B 121 -12.95 17.75 -7.97
C MET B 121 -11.52 17.76 -7.47
N ASN B 122 -11.17 16.78 -6.63
CA ASN B 122 -9.82 16.70 -6.10
C ASN B 122 -9.14 15.44 -6.60
N PRO B 123 -7.81 15.43 -6.70
CA PRO B 123 -7.10 14.16 -6.89
C PRO B 123 -7.53 13.14 -5.84
N THR B 124 -7.48 11.86 -6.21
CA THR B 124 -7.99 10.81 -5.35
C THR B 124 -7.10 9.59 -5.45
N ILE B 125 -6.66 9.08 -4.29
CA ILE B 125 -6.00 7.79 -4.24
C ILE B 125 -7.03 6.77 -3.81
N VAL B 126 -7.09 5.65 -4.54
CA VAL B 126 -8.17 4.68 -4.44
C VAL B 126 -7.56 3.31 -4.17
N PHE B 127 -8.14 2.58 -3.21
CA PHE B 127 -7.61 1.30 -2.74
C PHE B 127 -8.46 0.13 -3.15
N ARG B 128 -7.78 -0.97 -3.49
CA ARG B 128 -8.34 -2.30 -3.67
C ARG B 128 -7.70 -3.22 -2.64
N GLY B 129 -8.52 -4.04 -1.99
CA GLY B 129 -8.05 -5.07 -1.10
C GLY B 129 -8.16 -6.44 -1.73
N SER B 130 -7.94 -7.47 -0.91
CA SER B 130 -8.04 -8.83 -1.44
C SER B 130 -9.51 -9.23 -1.65
N ARG B 131 -9.73 -10.09 -2.64
CA ARG B 131 -11.05 -10.68 -2.89
C ARG B 131 -11.43 -11.75 -1.88
N GLN B 132 -10.43 -12.39 -1.26
CA GLN B 132 -10.67 -13.44 -0.27
C GLN B 132 -9.57 -13.28 0.76
N PRO B 133 -9.83 -12.60 1.87
CA PRO B 133 -8.83 -12.53 2.93
C PRO B 133 -8.48 -13.92 3.42
N GLU B 134 -7.22 -14.12 3.77
CA GLU B 134 -6.75 -15.42 4.24
C GLU B 134 -5.84 -15.21 5.44
N PHE B 135 -6.10 -15.93 6.52
CA PHE B 135 -5.10 -16.10 7.56
C PHE B 135 -3.91 -16.84 6.97
N PHE B 136 -2.74 -16.21 7.01
CA PHE B 136 -1.58 -16.67 6.24
C PHE B 136 -1.21 -18.14 6.44
N PRO B 137 -1.26 -18.73 7.64
CA PRO B 137 -0.87 -20.15 7.77
C PRO B 137 -1.75 -21.12 6.99
N THR B 138 -2.98 -20.76 6.62
CA THR B 138 -3.88 -21.68 5.94
C THR B 138 -3.88 -21.49 4.43
N LYS B 139 -2.93 -20.76 3.88
CA LYS B 139 -2.88 -20.61 2.43
C LYS B 139 -2.29 -21.86 1.79
N ASN B 140 -2.55 -22.02 0.49
CA ASN B 140 -2.03 -23.15 -0.26
C ASN B 140 -0.51 -23.07 -0.32
N MET B 141 0.16 -23.98 0.36
CA MET B 141 1.61 -23.97 0.44
C MET B 141 2.27 -24.74 -0.70
N ALA B 142 1.47 -25.25 -1.64
CA ALA B 142 1.99 -25.67 -2.95
C ALA B 142 2.30 -24.48 -3.85
N ASP B 143 1.87 -23.28 -3.48
CA ASP B 143 2.25 -22.05 -4.15
C ASP B 143 3.55 -21.55 -3.53
N TRP B 144 4.62 -21.49 -4.32
CA TRP B 144 5.96 -21.38 -3.74
C TRP B 144 6.15 -20.06 -3.00
N ILE B 145 5.49 -19.00 -3.45
CA ILE B 145 5.69 -17.71 -2.80
C ILE B 145 5.09 -17.72 -1.41
N ASN B 146 3.91 -18.34 -1.25
CA ASN B 146 3.32 -18.51 0.07
C ASN B 146 4.22 -19.36 0.96
N ASN B 147 4.75 -20.44 0.40
CA ASN B 147 5.71 -21.25 1.14
C ASN B 147 6.88 -20.39 1.59
N GLY B 148 7.42 -19.57 0.69
CA GLY B 148 8.57 -18.75 1.03
C GLY B 148 8.27 -17.68 2.06
N ALA B 149 7.14 -17.00 1.92
CA ALA B 149 6.77 -16.00 2.91
C ALA B 149 6.62 -16.63 4.29
N GLN B 150 5.98 -17.81 4.36
CA GLN B 150 5.86 -18.50 5.63
C GLN B 150 7.22 -18.85 6.21
N GLY B 151 8.10 -19.44 5.40
CA GLY B 151 9.38 -19.88 5.91
C GLY B 151 10.32 -18.75 6.29
N LEU B 152 10.14 -17.59 5.66
CA LEU B 152 10.97 -16.43 5.96
C LEU B 152 10.40 -15.57 7.10
N GLY B 153 9.25 -15.94 7.66
CA GLY B 153 8.68 -15.16 8.74
C GLY B 153 8.17 -13.80 8.31
N MET B 154 7.63 -13.72 7.10
CA MET B 154 7.19 -12.46 6.53
C MET B 154 5.91 -11.97 7.21
N GLU B 155 5.79 -10.65 7.32
CA GLU B 155 4.61 -10.04 7.93
C GLU B 155 3.54 -9.87 6.86
N SER B 156 2.30 -10.19 7.20
CA SER B 156 1.18 -10.11 6.27
C SER B 156 0.18 -9.10 6.83
N ASP B 157 0.17 -7.89 6.27
CA ASP B 157 -0.68 -6.82 6.80
C ASP B 157 -0.79 -5.71 5.75
N TYR B 158 -1.89 -5.71 5.00
CA TYR B 158 -2.15 -4.60 4.10
C TYR B 158 -2.33 -3.29 4.85
N TYR B 159 -2.79 -3.34 6.11
CA TYR B 159 -3.02 -2.09 6.82
C TYR B 159 -1.72 -1.37 7.14
N LYS B 160 -0.58 -2.08 7.17
CA LYS B 160 0.67 -1.38 7.40
C LYS B 160 1.02 -0.44 6.25
N ARG B 161 0.85 -0.91 5.01
CA ARG B 161 1.15 -0.05 3.87
C ARG B 161 0.11 1.04 3.72
N ALA B 162 -1.15 0.76 4.11
CA ALA B 162 -2.19 1.77 4.03
C ALA B 162 -1.97 2.87 5.08
N VAL B 163 -1.57 2.48 6.29
CA VAL B 163 -1.28 3.49 7.31
C VAL B 163 -0.04 4.30 6.91
N ARG B 164 0.97 3.64 6.32
CA ARG B 164 2.15 4.36 5.86
C ARG B 164 1.78 5.45 4.86
N LEU B 165 0.93 5.11 3.88
CA LEU B 165 0.45 6.11 2.94
C LEU B 165 -0.29 7.23 3.66
N GLY B 166 -1.04 6.87 4.71
CA GLY B 166 -1.70 7.90 5.51
C GLY B 166 -0.72 8.85 6.17
N SER B 167 0.34 8.29 6.76
CA SER B 167 1.37 9.14 7.35
C SER B 167 1.95 10.10 6.33
N ARG B 168 2.16 9.63 5.10
CA ARG B 168 2.70 10.49 4.06
C ARG B 168 1.70 11.55 3.64
N LEU B 169 0.46 11.16 3.41
CA LEU B 169 -0.50 12.12 2.89
C LEU B 169 -0.87 13.18 3.92
N ALA B 170 -0.61 12.93 5.21
CA ALA B 170 -0.73 14.00 6.19
C ALA B 170 0.20 15.16 5.91
N LYS B 171 1.28 14.94 5.15
CA LYS B 171 2.26 15.97 4.83
C LYS B 171 2.01 16.65 3.49
N SER B 172 1.01 16.19 2.73
CA SER B 172 0.84 16.70 1.37
C SER B 172 0.36 18.15 1.42
N VAL B 173 1.05 19.02 0.67
CA VAL B 173 0.61 20.40 0.54
C VAL B 173 -0.56 20.53 -0.43
N SER B 174 -0.79 19.54 -1.27
CA SER B 174 -1.93 19.53 -2.17
C SER B 174 -3.00 18.59 -1.64
N LYS B 175 -4.25 19.02 -1.72
CA LYS B 175 -5.36 18.21 -1.24
C LYS B 175 -5.47 16.94 -2.08
N ILE B 176 -5.69 15.81 -1.40
CA ILE B 176 -5.93 14.54 -2.09
C ILE B 176 -6.89 13.70 -1.27
N ASP B 177 -8.00 13.29 -1.90
CA ASP B 177 -9.03 12.50 -1.26
C ASP B 177 -8.70 11.02 -1.30
N ILE B 178 -9.32 10.25 -0.40
CA ILE B 178 -9.14 8.80 -0.29
C ILE B 178 -10.46 8.12 -0.61
N ALA B 179 -10.41 6.99 -1.31
CA ALA B 179 -11.64 6.27 -1.64
C ALA B 179 -11.37 4.78 -1.75
N GLY B 180 -12.40 3.97 -1.51
CA GLY B 180 -12.26 2.53 -1.70
C GLY B 180 -13.57 1.80 -1.48
N HIS B 181 -13.65 0.61 -2.07
CA HIS B 181 -14.80 -0.27 -1.97
C HIS B 181 -14.42 -1.54 -1.20
N SER B 182 -15.32 -2.01 -0.34
CA SER B 182 -15.21 -3.33 0.29
C SER B 182 -13.96 -3.33 1.18
N LEU B 183 -13.08 -4.34 1.10
N LEU B 183 -13.09 -4.33 1.09
CA LEU B 183 -11.87 -4.30 1.91
CA LEU B 183 -11.88 -4.31 1.90
C LEU B 183 -11.03 -3.08 1.58
C LEU B 183 -11.00 -3.10 1.57
N GLY B 184 -11.00 -2.68 0.30
CA GLY B 184 -10.33 -1.45 -0.07
C GLY B 184 -10.92 -0.22 0.60
N GLY B 185 -12.20 -0.29 0.97
CA GLY B 185 -12.79 0.78 1.77
C GLY B 185 -12.32 0.77 3.20
N GLY B 186 -12.06 -0.42 3.75
CA GLY B 186 -11.40 -0.49 5.03
C GLY B 186 -10.02 0.15 4.98
N LEU B 187 -9.24 -0.22 3.96
CA LEU B 187 -7.91 0.38 3.81
C LEU B 187 -8.03 1.88 3.63
N ALA B 188 -8.96 2.30 2.77
CA ALA B 188 -9.15 3.73 2.55
C ALA B 188 -9.45 4.46 3.84
N SER B 189 -10.28 3.86 4.70
CA SER B 189 -10.65 4.55 5.93
C SER B 189 -9.44 4.67 6.86
N ALA B 190 -8.57 3.67 6.87
CA ALA B 190 -7.33 3.77 7.63
C ALA B 190 -6.46 4.92 7.10
N THR B 191 -6.28 5.01 5.78
CA THR B 191 -5.46 6.07 5.21
C THR B 191 -6.09 7.43 5.49
N SER B 192 -7.42 7.51 5.42
CA SER B 192 -8.10 8.78 5.68
C SER B 192 -7.93 9.22 7.13
N ILE B 193 -8.18 8.33 8.10
CA ILE B 193 -8.03 8.70 9.49
C ILE B 193 -6.59 9.09 9.80
N ALA B 194 -5.62 8.33 9.26
CA ALA B 194 -4.22 8.60 9.55
C ALA B 194 -3.74 9.92 8.94
N SER B 195 -4.27 10.30 7.78
CA SER B 195 -3.79 11.47 7.06
C SER B 195 -4.57 12.73 7.39
N GLY B 196 -5.81 12.60 7.83
CA GLY B 196 -6.70 13.74 7.91
C GLY B 196 -7.39 14.11 6.61
N GLN B 197 -7.07 13.45 5.50
CA GLN B 197 -7.72 13.77 4.24
C GLN B 197 -9.14 13.21 4.22
N ALA B 198 -9.99 13.85 3.42
CA ALA B 198 -11.37 13.40 3.28
C ALA B 198 -11.46 12.04 2.59
N GLY B 199 -12.37 11.19 3.04
CA GLY B 199 -12.52 9.86 2.50
C GLY B 199 -13.94 9.54 2.06
N TRP B 200 -14.04 8.66 1.06
CA TRP B 200 -15.31 8.12 0.57
C TRP B 200 -15.18 6.61 0.53
N THR B 201 -16.05 5.90 1.22
CA THR B 201 -16.01 4.44 1.16
C THR B 201 -17.35 3.86 0.77
N PHE B 202 -17.32 2.67 0.18
CA PHE B 202 -18.51 2.07 -0.42
C PHE B 202 -18.58 0.61 -0.01
N ASN B 203 -19.63 0.26 0.74
CA ASN B 203 -19.78 -1.09 1.30
C ASN B 203 -18.49 -1.53 1.99
N ALA B 204 -17.90 -0.62 2.76
CA ALA B 204 -16.54 -0.82 3.26
C ALA B 204 -16.51 -1.79 4.44
N ALA B 205 -15.37 -2.46 4.59
CA ALA B 205 -15.07 -3.16 5.82
C ALA B 205 -14.74 -2.17 6.92
N GLY B 206 -15.07 -2.56 8.16
CA GLY B 206 -14.69 -1.75 9.30
C GLY B 206 -13.28 -2.03 9.76
N LEU B 207 -12.82 -1.24 10.73
CA LEU B 207 -11.46 -1.33 11.24
C LEU B 207 -11.46 -2.19 12.51
N HIS B 208 -10.79 -3.34 12.45
CA HIS B 208 -10.77 -4.23 13.61
C HIS B 208 -10.01 -3.58 14.78
N SER B 209 -10.39 -4.00 15.99
N SER B 209 -10.38 -3.99 15.99
CA SER B 209 -9.78 -3.44 17.19
CA SER B 209 -9.77 -3.43 17.19
C SER B 209 -8.28 -3.72 17.23
C SER B 209 -8.27 -3.73 17.24
N THR B 210 -7.87 -4.92 16.79
CA THR B 210 -6.44 -5.23 16.76
C THR B 210 -5.70 -4.30 15.80
N THR B 211 -6.34 -3.95 14.68
CA THR B 211 -5.73 -3.00 13.76
C THR B 211 -5.64 -1.62 14.39
N VAL B 212 -6.73 -1.15 15.01
CA VAL B 212 -6.75 0.18 15.60
C VAL B 212 -5.70 0.28 16.71
N GLU B 213 -5.63 -0.74 17.57
CA GLU B 213 -4.61 -0.79 18.61
C GLU B 213 -3.21 -0.77 18.00
N LYS B 214 -2.97 -1.63 16.99
CA LYS B 214 -1.63 -1.78 16.44
C LYS B 214 -1.05 -0.45 15.98
N TYR B 215 -1.87 0.39 15.35
CA TYR B 215 -1.37 1.64 14.77
C TYR B 215 -1.79 2.86 15.59
N GLY B 216 -2.21 2.65 16.83
CA GLY B 216 -2.28 3.72 17.81
C GLY B 216 -3.15 4.87 17.39
N GLY B 217 -2.69 6.09 17.69
CA GLY B 217 -3.47 7.30 17.46
C GLY B 217 -3.68 7.61 16.00
N SER B 218 -2.89 7.01 15.10
CA SER B 218 -3.10 7.23 13.67
C SER B 218 -4.47 6.72 13.24
N LEU B 219 -5.01 5.73 13.96
CA LEU B 219 -6.31 5.16 13.66
C LEU B 219 -7.36 5.55 14.70
N LEU B 220 -7.10 6.59 15.49
CA LEU B 220 -7.96 6.99 16.59
C LEU B 220 -8.74 8.25 16.24
N GLY B 221 -10.02 8.26 16.62
CA GLY B 221 -10.88 9.43 16.53
C GLY B 221 -11.29 9.77 15.10
N GLU B 222 -11.55 11.06 14.89
CA GLU B 222 -11.73 11.66 13.57
C GLU B 222 -12.90 10.99 12.86
N ALA B 223 -12.75 10.53 11.62
CA ALA B 223 -13.75 9.82 10.83
C ALA B 223 -14.88 10.73 10.38
N ASP B 224 -14.92 11.97 10.88
CA ASP B 224 -16.00 12.89 10.52
C ASP B 224 -15.98 13.25 9.05
N ASN B 225 -14.80 13.23 8.42
CA ASN B 225 -14.67 13.56 7.01
C ASN B 225 -14.57 12.30 6.14
N ILE B 226 -15.06 11.17 6.62
CA ILE B 226 -15.30 10.00 5.78
C ILE B 226 -16.80 9.88 5.55
N GLN B 227 -17.19 9.76 4.28
CA GLN B 227 -18.56 9.46 3.89
C GLN B 227 -18.62 7.97 3.59
N ALA B 228 -19.27 7.21 4.47
CA ALA B 228 -19.37 5.76 4.37
C ALA B 228 -20.69 5.38 3.71
N TYR B 229 -20.68 5.30 2.38
CA TYR B 229 -21.84 4.87 1.61
C TYR B 229 -22.02 3.36 1.67
N ARG B 230 -23.27 2.91 1.78
CA ARG B 230 -23.53 1.48 1.80
C ARG B 230 -24.91 1.19 1.25
N VAL B 231 -24.98 0.15 0.43
CA VAL B 231 -26.24 -0.36 -0.10
C VAL B 231 -26.99 -1.08 1.01
N GLU B 232 -28.20 -0.64 1.29
CA GLU B 232 -29.02 -1.27 2.32
C GLU B 232 -29.18 -2.75 2.02
N GLY B 233 -28.89 -3.59 3.01
CA GLY B 233 -28.97 -5.03 2.86
C GLY B 233 -27.67 -5.70 2.44
N GLU B 234 -26.58 -4.94 2.29
CA GLU B 234 -25.35 -5.50 1.77
C GLU B 234 -24.63 -6.35 2.81
N LEU B 235 -23.83 -7.28 2.30
CA LEU B 235 -23.20 -8.34 3.09
C LEU B 235 -22.61 -7.85 4.42
N LEU B 236 -21.79 -6.81 4.38
CA LEU B 236 -20.95 -6.51 5.54
C LEU B 236 -21.76 -5.91 6.69
N THR B 237 -22.61 -4.92 6.41
CA THR B 237 -23.48 -4.40 7.46
C THR B 237 -24.47 -5.46 7.93
N LYS B 238 -24.90 -6.35 7.04
CA LYS B 238 -25.76 -7.46 7.46
C LYS B 238 -25.08 -8.31 8.54
N ILE B 239 -23.75 -8.37 8.51
CA ILE B 239 -22.99 -8.95 9.61
C ILE B 239 -22.81 -7.88 10.68
N ILE B 267 -16.94 -9.78 16.21
CA ILE B 267 -15.66 -9.13 15.97
C ILE B 267 -15.64 -8.45 14.60
N MET B 268 -16.80 -7.98 14.13
CA MET B 268 -16.92 -7.34 12.82
C MET B 268 -17.35 -5.88 13.05
N PRO B 269 -16.41 -4.95 13.14
CA PRO B 269 -16.77 -3.57 13.47
C PRO B 269 -17.48 -2.88 12.32
N ASN B 270 -18.18 -1.80 12.67
CA ASN B 270 -18.87 -1.00 11.66
C ASN B 270 -17.86 -0.17 10.86
N ALA B 271 -18.21 0.10 9.61
CA ALA B 271 -17.36 0.95 8.79
C ALA B 271 -17.24 2.34 9.42
N ALA B 272 -16.03 2.90 9.37
CA ALA B 272 -15.80 4.22 9.95
C ALA B 272 -16.37 5.32 9.06
N GLY B 273 -16.76 6.42 9.68
CA GLY B 273 -17.24 7.60 8.99
C GLY B 273 -18.72 7.84 9.23
N VAL B 274 -19.25 8.81 8.49
CA VAL B 274 -20.67 9.16 8.53
C VAL B 274 -21.40 8.27 7.54
N VAL B 275 -22.30 7.42 8.04
CA VAL B 275 -23.00 6.46 7.20
C VAL B 275 -23.94 7.20 6.24
N HIS B 276 -23.98 6.72 4.99
CA HIS B 276 -24.93 7.20 3.98
C HIS B 276 -25.62 5.95 3.44
N ASP B 277 -26.81 5.66 3.96
CA ASP B 277 -27.55 4.47 3.53
C ASP B 277 -28.14 4.70 2.15
N LEU B 278 -28.18 3.63 1.35
CA LEU B 278 -28.68 3.70 -0.03
C LEU B 278 -29.75 2.64 -0.25
N PRO B 279 -31.01 3.03 -0.43
CA PRO B 279 -32.02 2.05 -0.84
C PRO B 279 -31.91 1.77 -2.34
N GLY B 280 -32.70 0.80 -2.79
CA GLY B 280 -32.76 0.49 -4.20
C GLY B 280 -31.91 -0.67 -4.64
N GLY B 281 -31.27 -1.38 -3.71
CA GLY B 281 -30.51 -2.56 -4.06
C GLY B 281 -31.41 -3.69 -4.52
N THR B 282 -30.79 -4.70 -5.14
CA THR B 282 -31.54 -5.83 -5.68
C THR B 282 -30.79 -7.11 -5.34
N GLY B 283 -31.56 -8.19 -5.17
CA GLY B 283 -30.96 -9.48 -4.85
C GLY B 283 -30.58 -9.59 -3.38
N GLY B 284 -29.64 -10.50 -3.12
CA GLY B 284 -29.27 -10.82 -1.77
C GLY B 284 -28.09 -9.99 -1.28
N PRO B 285 -27.63 -10.31 -0.06
CA PRO B 285 -26.50 -9.54 0.51
C PRO B 285 -25.24 -9.58 -0.34
N LEU B 286 -24.97 -10.69 -1.02
CA LEU B 286 -23.76 -10.75 -1.85
C LEU B 286 -23.89 -9.84 -3.06
N ASP B 287 -25.04 -9.84 -3.72
CA ASP B 287 -25.23 -8.96 -4.88
C ASP B 287 -25.13 -7.50 -4.47
N ARG B 288 -25.75 -7.14 -3.34
CA ARG B 288 -25.79 -5.75 -2.91
C ARG B 288 -24.41 -5.24 -2.49
N HIS B 289 -23.48 -6.15 -2.21
CA HIS B 289 -22.12 -5.75 -1.84
C HIS B 289 -21.36 -5.16 -3.02
N GLY B 290 -21.70 -5.56 -4.25
CA GLY B 290 -20.92 -5.17 -5.41
C GLY B 290 -20.90 -3.67 -5.63
N ILE B 291 -19.76 -3.18 -6.17
CA ILE B 291 -19.60 -1.76 -6.38
C ILE B 291 -20.58 -1.26 -7.45
N GLY B 292 -20.98 -2.13 -8.38
CA GLY B 292 -21.95 -1.72 -9.39
C GLY B 292 -23.29 -1.34 -8.79
N GLN B 293 -23.72 -2.08 -7.75
CA GLN B 293 -24.96 -1.71 -7.07
C GLN B 293 -24.80 -0.42 -6.27
N ALA B 294 -23.63 -0.21 -5.66
CA ALA B 294 -23.39 1.07 -5.01
C ALA B 294 -23.53 2.22 -6.00
N ILE B 295 -22.95 2.08 -7.19
CA ILE B 295 -23.00 3.15 -8.18
C ILE B 295 -24.45 3.37 -8.63
N ASP B 296 -25.12 2.28 -8.99
CA ASP B 296 -26.51 2.36 -9.41
C ASP B 296 -27.39 2.97 -8.33
N CYS B 297 -27.19 2.57 -7.06
CA CYS B 297 -28.02 3.10 -5.99
C CYS B 297 -27.77 4.58 -5.76
N ILE B 298 -26.53 5.04 -5.89
CA ILE B 298 -26.29 6.48 -5.79
C ILE B 298 -26.99 7.21 -6.93
N GLU B 299 -26.95 6.64 -8.14
CA GLU B 299 -27.63 7.27 -9.27
C GLU B 299 -29.14 7.31 -9.06
N GLN B 300 -29.70 6.27 -8.42
CA GLN B 300 -31.13 6.28 -8.10
C GLN B 300 -31.49 7.45 -7.18
N GLN B 301 -30.66 7.69 -6.16
CA GLN B 301 -30.89 8.81 -5.24
C GLN B 301 -30.74 10.17 -5.93
N LYS B 302 -29.73 10.23 -6.94
CA LYS B 302 -29.58 11.51 -7.59
C LYS B 302 -30.87 11.84 -8.37
N ASP B 303 -31.34 10.72 -9.12
CA ASP B 303 -32.58 10.92 -9.89
C ASP B 303 -33.71 11.46 -9.01
N GLU B 304 -33.76 10.93 -7.79
CA GLU B 304 -34.83 11.26 -6.84
C GLU B 304 -34.75 12.72 -6.40
N ASP B 305 -33.55 13.18 -6.04
CA ASP B 305 -33.41 14.59 -5.66
C ASP B 305 -33.58 15.53 -6.84
N ILE B 306 -33.16 15.11 -8.03
CA ILE B 306 -33.39 15.92 -9.22
C ILE B 306 -34.88 16.13 -9.44
N SER B 307 -35.67 15.06 -9.28
CA SER B 307 -37.12 15.17 -9.47
C SER B 307 -37.72 16.15 -8.46
N ILE B 308 -37.19 16.17 -7.24
CA ILE B 308 -37.67 17.11 -6.23
C ILE B 308 -37.35 18.56 -6.63
N ILE B 309 -36.12 18.82 -7.08
CA ILE B 309 -35.77 20.17 -7.50
C ILE B 309 -36.63 20.59 -8.67
N ARG B 310 -36.84 19.69 -9.64
CA ARG B 310 -37.62 20.05 -10.82
C ARG B 310 -39.08 20.32 -10.46
N SER B 311 -39.58 19.69 -9.40
CA SER B 311 -40.95 19.88 -8.97
C SER B 311 -41.21 21.26 -8.41
N ARG B 312 -40.16 22.03 -8.06
CA ARG B 312 -40.32 23.38 -7.55
C ARG B 312 -40.03 24.44 -8.60
N ALA B 313 -39.99 24.07 -9.88
CA ALA B 313 -39.79 25.06 -10.94
C ALA B 313 -41.07 25.88 -11.12
C1 CIT C . -15.26 -11.96 0.27
O1 CIT C . -14.64 -10.90 0.50
O2 CIT C . -14.62 -12.99 -0.02
C2 CIT C . -16.77 -11.99 0.34
C3 CIT C . -17.30 -12.36 -1.04
O7 CIT C . -16.65 -13.56 -1.50
C4 CIT C . -18.81 -12.57 -1.08
C5 CIT C . -19.11 -13.11 -2.46
O3 CIT C . -19.08 -14.33 -2.70
O4 CIT C . -19.40 -12.32 -3.39
C6 CIT C . -16.99 -11.22 -2.01
O5 CIT C . -15.94 -11.24 -2.69
O6 CIT C . -17.78 -10.27 -2.12
C1 GOL D . -14.82 -8.15 -7.38
O1 GOL D . -15.84 -7.90 -8.24
C2 GOL D . -15.03 -9.54 -6.68
O2 GOL D . -14.47 -10.61 -7.36
C3 GOL D . -14.41 -9.37 -5.29
O3 GOL D . -15.04 -10.26 -4.43
C1 PGE E . -11.52 -9.59 -7.26
O1 PGE E . -10.76 -9.13 -6.17
C2 PGE E . -11.62 -8.51 -8.32
O2 PGE E . -10.59 -8.72 -9.26
C3 PGE E . -9.37 -8.06 -8.96
C4 PGE E . -8.43 -9.01 -8.30
O4 PGE E . -8.04 -7.32 -5.59
C6 PGE E . -7.48 -8.64 -5.64
C5 PGE E . -6.58 -8.79 -6.82
O3 PGE E . -7.21 -8.33 -8.00
C1 GOL F . -21.31 14.31 -14.17
O1 GOL F . -21.65 13.76 -15.36
C2 GOL F . -22.61 14.90 -13.42
O2 GOL F . -23.03 16.16 -13.91
C3 GOL F . -23.76 13.78 -13.14
O3 GOL F . -24.16 13.03 -14.28
C12 MIE G . -27.59 12.83 -12.69
C13 MIE G . -26.74 12.90 -11.59
C25 MIE G . -28.18 11.57 -13.31
#